data_4RFA
#
_entry.id   4RFA
#
_cell.length_a   91.987
_cell.length_b   91.987
_cell.length_c   144.079
_cell.angle_alpha   90.00
_cell.angle_beta   90.00
_cell.angle_gamma   120.00
#
_symmetry.space_group_name_H-M   'P 65 2 2'
#
loop_
_entity.id
_entity.type
_entity.pdbx_description
1 polymer 'Lmo0740 protein'
2 water water
#
_entity_poly.entity_id   1
_entity_poly.type   'polypeptide(L)'
_entity_poly.pdbx_seq_one_letter_code
;(MSE)HHHHHH(MSE)PEKLDTVLGYLKEFPDYYKYVTKKTYTLNEKIIFEDEKAKSIFFIVEGYAAVELEDNLRKTNYI
SIFVLPYNVLGIDAFSSYPKKKHSITV(MSE)SESL(MSE)LYKIDADFLLNILSIKPDVNDFLLTSIADVFARHYALLG
(MSE)IAKTPKERIY(MSE)ALENLAVE(MSE)GTEDEERNEIVLPNFINQSVLARYCRTTQPNISNLLTELVEEEFLIN
KKSPYRIDKDSLDI
;
_entity_poly.pdbx_strand_id   A
#
# COMPACT_ATOMS: atom_id res chain seq x y z
N GLU A 10 -16.66 -2.76 0.18
CA GLU A 10 -18.09 -2.52 0.53
C GLU A 10 -18.39 -1.05 0.75
N LYS A 11 -17.42 -0.34 1.31
CA LYS A 11 -17.64 0.99 1.89
C LYS A 11 -17.30 2.07 0.85
N LEU A 12 -16.16 1.92 0.17
CA LEU A 12 -15.84 2.73 -1.02
C LEU A 12 -16.85 2.50 -2.15
N ASP A 13 -17.50 1.33 -2.17
CA ASP A 13 -18.58 1.07 -3.11
C ASP A 13 -19.79 1.94 -2.84
N THR A 14 -20.17 2.07 -1.58
CA THR A 14 -21.29 2.92 -1.22
C THR A 14 -20.95 4.37 -1.57
N VAL A 15 -19.71 4.77 -1.30
CA VAL A 15 -19.23 6.12 -1.63
C VAL A 15 -19.29 6.40 -3.13
N LEU A 16 -18.73 5.50 -3.93
CA LEU A 16 -18.76 5.64 -5.40
C LEU A 16 -20.18 5.75 -5.91
N GLY A 17 -21.05 4.89 -5.39
CA GLY A 17 -22.48 4.99 -5.63
C GLY A 17 -23.08 6.30 -5.18
N TYR A 18 -22.63 6.84 -4.04
CA TYR A 18 -23.10 8.16 -3.61
C TYR A 18 -22.67 9.22 -4.63
N LEU A 19 -21.43 9.08 -5.12
CA LEU A 19 -20.85 10.05 -6.03
C LEU A 19 -21.72 10.20 -7.28
N LYS A 20 -22.22 9.07 -7.79
CA LYS A 20 -22.97 9.03 -9.06
C LYS A 20 -24.33 9.71 -9.03
N GLU A 21 -24.89 9.89 -7.83
CA GLU A 21 -26.12 10.68 -7.66
C GLU A 21 -26.00 12.14 -8.10
N PHE A 22 -24.81 12.73 -8.03
CA PHE A 22 -24.65 14.16 -8.31
C PHE A 22 -24.44 14.44 -9.79
N PRO A 23 -25.16 15.43 -10.35
CA PRO A 23 -25.12 15.74 -11.77
C PRO A 23 -23.70 15.98 -12.29
N ASP A 24 -22.80 16.50 -11.44
CA ASP A 24 -21.41 16.79 -11.87
C ASP A 24 -20.42 15.60 -11.72
N TYR A 25 -20.95 14.37 -11.61
CA TYR A 25 -20.12 13.17 -11.40
C TYR A 25 -19.01 12.96 -12.45
N TYR A 26 -19.37 12.90 -13.73
CA TYR A 26 -18.37 12.57 -14.77
C TYR A 26 -17.34 13.69 -14.94
N LYS A 27 -17.76 14.89 -14.58
CA LYS A 27 -16.94 16.06 -14.56
C LYS A 27 -15.85 15.98 -13.49
N TYR A 28 -16.15 15.39 -12.34
CA TYR A 28 -15.20 15.36 -11.26
C TYR A 28 -14.56 14.00 -10.94
N VAL A 29 -15.02 12.93 -11.58
CA VAL A 29 -14.62 11.60 -11.18
C VAL A 29 -14.18 10.87 -12.42
N THR A 30 -12.99 10.32 -12.39
CA THR A 30 -12.35 9.81 -13.59
C THR A 30 -11.64 8.52 -13.18
N LYS A 31 -11.52 7.56 -14.09
CA LYS A 31 -10.91 6.27 -13.80
C LYS A 31 -9.62 6.12 -14.59
N LYS A 32 -8.65 5.44 -14.00
CA LYS A 32 -7.37 5.16 -14.61
C LYS A 32 -6.88 3.74 -14.29
N THR A 33 -6.43 3.01 -15.30
CA THR A 33 -5.96 1.66 -15.12
C THR A 33 -4.50 1.60 -15.55
N TYR A 34 -3.73 0.76 -14.85
CA TYR A 34 -2.34 0.71 -14.99
C TYR A 34 -1.93 -0.75 -15.03
N THR A 35 -0.70 -0.99 -15.49
CA THR A 35 -0.09 -2.32 -15.53
C THR A 35 1.25 -2.34 -14.80
N LEU A 36 1.75 -3.56 -14.62
CA LEU A 36 2.97 -3.81 -13.86
C LEU A 36 4.10 -2.82 -14.24
N ASN A 37 4.79 -2.27 -13.25
CA ASN A 37 5.91 -1.32 -13.47
C ASN A 37 5.60 0.04 -14.00
N GLU A 38 4.37 0.30 -14.42
CA GLU A 38 4.02 1.68 -14.72
C GLU A 38 4.15 2.53 -13.49
N LYS A 39 4.47 3.80 -13.68
CA LYS A 39 4.50 4.81 -12.63
C LYS A 39 3.18 5.55 -12.54
N ILE A 40 2.67 5.74 -11.34
CA ILE A 40 1.47 6.55 -11.12
C ILE A 40 1.98 7.98 -10.83
N ILE A 41 1.53 8.96 -11.60
CA ILE A 41 2.09 10.32 -11.51
C ILE A 41 0.94 11.30 -11.31
N PHE A 42 1.04 12.19 -10.34
CA PHE A 42 -0.02 13.18 -10.12
C PHE A 42 0.26 14.45 -10.96
N GLU A 43 -0.61 14.78 -11.92
CA GLU A 43 -0.52 16.07 -12.64
C GLU A 43 -0.71 17.24 -11.68
N ASP A 44 0.22 18.18 -11.66
CA ASP A 44 0.14 19.32 -10.75
C ASP A 44 -0.75 20.42 -11.33
N GLU A 45 -1.96 20.04 -11.74
CA GLU A 45 -2.96 21.00 -12.20
C GLU A 45 -3.32 21.96 -11.05
N LYS A 46 -4.03 23.02 -11.40
CA LYS A 46 -4.44 24.01 -10.39
C LYS A 46 -5.48 23.36 -9.48
N ALA A 47 -6.58 22.93 -10.06
CA ALA A 47 -7.58 22.16 -9.33
C ALA A 47 -7.00 20.77 -9.13
N LYS A 48 -6.85 20.37 -7.87
CA LYS A 48 -6.17 19.15 -7.52
C LYS A 48 -7.21 18.06 -7.18
N SER A 49 -6.77 16.82 -7.13
CA SER A 49 -7.68 15.72 -6.85
C SER A 49 -7.10 14.68 -5.91
N ILE A 50 -7.99 13.86 -5.39
CA ILE A 50 -7.70 12.78 -4.50
C ILE A 50 -7.84 11.49 -5.34
N PHE A 51 -7.02 10.46 -5.05
CA PHE A 51 -7.03 9.21 -5.82
C PHE A 51 -7.38 8.02 -4.94
N PHE A 52 -8.38 7.24 -5.32
CA PHE A 52 -8.70 6.00 -4.60
C PHE A 52 -8.39 4.75 -5.35
N ILE A 53 -7.60 3.87 -4.74
CA ILE A 53 -7.25 2.61 -5.38
C ILE A 53 -8.41 1.67 -5.11
N VAL A 54 -8.95 1.08 -6.16
CA VAL A 54 -10.04 0.11 -5.98
C VAL A 54 -9.53 -1.30 -6.15
N GLU A 55 -8.49 -1.50 -6.95
CA GLU A 55 -7.90 -2.83 -6.99
C GLU A 55 -6.44 -2.77 -7.37
N GLY A 56 -5.68 -3.78 -6.95
CA GLY A 56 -4.23 -3.83 -7.21
C GLY A 56 -3.35 -3.14 -6.16
N TYR A 57 -2.04 -3.20 -6.37
CA TYR A 57 -1.06 -2.78 -5.38
C TYR A 57 0.01 -1.98 -6.06
N ALA A 58 0.51 -0.98 -5.39
CA ALA A 58 1.69 -0.31 -5.86
C ALA A 58 2.68 -0.15 -4.73
N ALA A 59 3.87 0.33 -5.08
CA ALA A 59 4.94 0.62 -4.11
C ALA A 59 5.41 2.01 -4.24
N VAL A 60 5.58 2.68 -3.11
CA VAL A 60 6.21 3.99 -3.07
C VAL A 60 7.73 3.80 -2.80
N GLU A 61 8.58 4.32 -3.67
CA GLU A 61 10.02 4.12 -3.58
C GLU A 61 10.79 5.31 -3.03
N LEU A 62 11.78 5.03 -2.18
CA LEU A 62 12.75 6.05 -1.75
C LEU A 62 13.76 6.32 -2.87
N GLU A 63 13.67 7.50 -3.47
CA GLU A 63 14.54 7.85 -4.59
C GLU A 63 15.98 8.05 -4.12
N ASP A 64 16.89 7.24 -4.64
CA ASP A 64 18.31 7.35 -4.30
C ASP A 64 19.07 6.96 -5.54
N ASN A 65 19.51 7.95 -6.30
CA ASN A 65 20.23 7.69 -7.56
C ASN A 65 21.58 7.01 -7.40
N LEU A 66 22.12 6.96 -6.19
CA LEU A 66 23.23 6.09 -5.88
C LEU A 66 22.85 4.60 -5.93
N ARG A 67 21.56 4.29 -5.78
CA ARG A 67 21.09 2.90 -5.79
C ARG A 67 20.45 2.49 -7.10
N LYS A 68 20.83 1.32 -7.59
CA LYS A 68 20.28 0.78 -8.83
C LYS A 68 18.79 0.48 -8.66
N THR A 69 18.43 -0.26 -7.62
CA THR A 69 17.02 -0.49 -7.28
C THR A 69 16.71 0.19 -5.96
N ASN A 70 15.71 1.05 -5.97
CA ASN A 70 15.40 1.76 -4.80
C ASN A 70 14.69 0.88 -3.79
N TYR A 71 14.85 1.26 -2.53
CA TYR A 71 14.08 0.70 -1.46
C TYR A 71 12.62 1.10 -1.64
N ILE A 72 11.76 0.36 -0.97
CA ILE A 72 10.33 0.65 -0.99
C ILE A 72 9.98 1.13 0.38
N SER A 73 9.35 2.30 0.45
CA SER A 73 9.04 2.93 1.72
C SER A 73 7.75 2.37 2.25
N ILE A 74 6.78 2.18 1.37
CA ILE A 74 5.50 1.66 1.82
C ILE A 74 4.72 1.17 0.63
N PHE A 75 3.77 0.25 0.84
CA PHE A 75 2.88 -0.17 -0.21
C PHE A 75 1.59 0.63 -0.23
N VAL A 76 0.95 0.69 -1.40
CA VAL A 76 -0.35 1.31 -1.61
C VAL A 76 -1.31 0.15 -1.85
N LEU A 77 -2.36 0.10 -1.04
CA LEU A 77 -3.34 -0.97 -1.03
C LEU A 77 -4.68 -0.52 -1.60
N PRO A 78 -5.51 -1.48 -2.04
CA PRO A 78 -6.89 -1.20 -2.36
C PRO A 78 -7.56 -0.45 -1.22
N TYR A 79 -8.29 0.60 -1.55
CA TYR A 79 -9.04 1.48 -0.61
C TYR A 79 -8.21 2.55 0.08
N ASN A 80 -6.93 2.64 -0.24
CA ASN A 80 -6.12 3.81 0.14
C ASN A 80 -6.47 5.07 -0.62
N VAL A 81 -6.40 6.20 0.08
CA VAL A 81 -6.48 7.50 -0.57
C VAL A 81 -5.06 7.91 -0.96
N LEU A 82 -4.87 8.58 -2.09
CA LEU A 82 -3.53 8.98 -2.57
C LEU A 82 -3.59 10.41 -3.03
N GLY A 83 -2.40 11.00 -3.05
CA GLY A 83 -2.24 12.37 -3.49
C GLY A 83 -2.56 13.41 -2.42
N ILE A 84 -2.64 13.00 -1.16
CA ILE A 84 -2.89 14.01 -0.08
C ILE A 84 -1.64 14.85 0.11
N ASP A 85 -0.50 14.23 -0.11
CA ASP A 85 0.81 14.88 -0.11
C ASP A 85 0.88 16.13 -0.94
N ALA A 86 0.10 16.19 -1.99
CA ALA A 86 0.12 17.33 -2.87
C ALA A 86 -0.46 18.60 -2.28
N PHE A 87 -1.20 18.44 -1.18
CA PHE A 87 -1.73 19.58 -0.48
C PHE A 87 -0.76 20.14 0.52
N SER A 88 0.35 19.47 0.73
CA SER A 88 1.25 19.84 1.82
C SER A 88 2.03 21.08 1.46
N SER A 89 2.22 21.93 2.46
CA SER A 89 3.01 23.15 2.33
C SER A 89 4.51 22.91 2.07
N TYR A 90 4.98 21.67 2.24
CA TYR A 90 6.39 21.30 2.04
C TYR A 90 6.48 20.98 0.55
N PRO A 91 7.62 20.43 0.08
CA PRO A 91 7.72 20.10 -1.35
C PRO A 91 7.81 18.59 -1.65
N LYS A 94 12.05 13.11 -2.09
CA LYS A 94 11.39 12.59 -3.28
C LYS A 94 11.11 11.09 -3.18
N HIS A 95 9.89 10.73 -3.57
CA HIS A 95 9.45 9.34 -3.71
C HIS A 95 8.72 9.21 -5.08
N SER A 96 8.69 8.00 -5.64
CA SER A 96 7.85 7.71 -6.83
C SER A 96 7.03 6.42 -6.60
N ILE A 97 6.05 6.15 -7.47
CA ILE A 97 5.01 5.16 -7.19
C ILE A 97 4.86 4.17 -8.33
N THR A 98 5.13 2.90 -8.07
CA THR A 98 5.21 1.88 -9.11
C THR A 98 4.23 0.78 -8.86
N VAL A 99 3.54 0.37 -9.91
CA VAL A 99 2.54 -0.66 -9.84
C VAL A 99 3.24 -1.97 -9.70
N SER A 101 1.46 -5.06 -8.94
CA SER A 101 0.61 -6.15 -9.36
C SER A 101 0.43 -6.07 -10.89
N GLU A 102 -0.27 -7.04 -11.45
CA GLU A 102 -0.37 -7.16 -12.90
C GLU A 102 -1.19 -5.98 -13.42
N SER A 103 -2.25 -5.64 -12.68
CA SER A 103 -2.97 -4.39 -12.89
C SER A 103 -3.46 -3.73 -11.61
N LEU A 104 -3.83 -2.47 -11.78
CA LEU A 104 -4.34 -1.62 -10.76
C LEU A 104 -5.30 -0.61 -11.38
N LEU A 106 -7.76 2.83 -10.36
CA LEU A 106 -8.12 3.84 -9.40
C LEU A 106 -9.10 4.83 -9.92
N TYR A 107 -9.65 5.62 -9.00
CA TYR A 107 -10.51 6.74 -9.35
C TYR A 107 -9.83 8.07 -9.03
N LYS A 108 -9.83 8.98 -9.98
CA LYS A 108 -9.32 10.33 -9.69
C LYS A 108 -10.53 11.17 -9.40
N ILE A 109 -10.58 11.78 -8.23
CA ILE A 109 -11.70 12.61 -7.83
C ILE A 109 -11.32 14.04 -7.51
N ASP A 110 -11.95 14.98 -8.19
CA ASP A 110 -11.65 16.36 -7.97
C ASP A 110 -11.88 16.63 -6.50
N ALA A 111 -10.91 17.27 -5.89
CA ALA A 111 -10.86 17.44 -4.45
C ALA A 111 -11.90 18.46 -3.93
N ASP A 112 -12.04 19.57 -4.62
CA ASP A 112 -13.15 20.51 -4.28
C ASP A 112 -14.53 19.81 -4.23
N PHE A 113 -14.83 19.02 -5.28
CA PHE A 113 -16.03 18.20 -5.34
C PHE A 113 -16.13 17.32 -4.12
N LEU A 114 -15.11 16.52 -3.92
CA LEU A 114 -15.12 15.55 -2.85
C LEU A 114 -15.26 16.29 -1.53
N LEU A 115 -14.49 17.37 -1.38
CA LEU A 115 -14.55 18.20 -0.15
C LEU A 115 -15.89 18.89 0.11
N ASN A 116 -16.77 18.88 -0.91
CA ASN A 116 -18.11 19.44 -0.76
C ASN A 116 -19.17 18.43 -0.37
N ILE A 117 -18.96 17.17 -0.72
CA ILE A 117 -20.01 16.18 -0.58
C ILE A 117 -19.84 15.38 0.70
N LEU A 118 -18.97 15.88 1.58
CA LEU A 118 -18.70 15.21 2.82
C LEU A 118 -19.87 15.44 3.77
N SER A 119 -20.11 16.71 4.10
CA SER A 119 -21.20 17.08 4.97
C SER A 119 -22.48 16.41 4.49
N ILE A 120 -22.71 16.50 3.19
CA ILE A 120 -23.99 16.07 2.60
C ILE A 120 -24.28 14.58 2.78
N LYS A 121 -23.24 13.76 2.77
CA LYS A 121 -23.41 12.33 2.60
C LYS A 121 -23.25 11.66 3.96
N PRO A 122 -24.28 10.89 4.38
CA PRO A 122 -24.33 10.29 5.73
C PRO A 122 -23.41 9.09 5.99
N ASP A 123 -22.56 8.75 5.02
CA ASP A 123 -21.31 8.01 5.28
C ASP A 123 -20.28 9.07 5.64
N VAL A 124 -20.62 9.82 6.68
CA VAL A 124 -20.24 11.22 6.80
C VAL A 124 -18.77 11.40 7.01
N ASN A 125 -18.03 11.46 5.90
CA ASN A 125 -16.63 11.84 5.94
C ASN A 125 -15.83 10.81 6.72
N ASP A 126 -16.53 10.06 7.58
CA ASP A 126 -15.92 8.99 8.33
C ASP A 126 -15.07 8.20 7.42
N PHE A 127 -15.57 8.01 6.20
CA PHE A 127 -14.85 7.27 5.21
C PHE A 127 -13.47 7.88 4.91
N LEU A 128 -13.40 9.18 4.73
CA LEU A 128 -12.14 9.80 4.39
C LEU A 128 -11.13 9.80 5.58
N LEU A 129 -11.63 10.19 6.74
CA LEU A 129 -10.91 10.19 8.00
C LEU A 129 -10.39 8.83 8.36
N THR A 130 -11.23 7.82 8.19
CA THR A 130 -10.84 6.43 8.44
C THR A 130 -9.78 5.95 7.52
N SER A 131 -9.87 6.30 6.24
CA SER A 131 -8.83 5.95 5.28
C SER A 131 -7.47 6.54 5.64
N ILE A 132 -7.48 7.81 6.02
CA ILE A 132 -6.29 8.54 6.47
C ILE A 132 -5.75 7.90 7.73
N ALA A 133 -6.61 7.74 8.73
CA ALA A 133 -6.27 7.08 10.01
C ALA A 133 -5.56 5.78 9.78
N ASP A 134 -6.03 4.97 8.83
CA ASP A 134 -5.34 3.70 8.57
C ASP A 134 -3.96 3.89 7.94
N VAL A 135 -3.76 4.94 7.17
CA VAL A 135 -2.43 5.14 6.57
C VAL A 135 -1.47 5.58 7.66
N PHE A 136 -1.92 6.47 8.53
CA PHE A 136 -1.18 6.83 9.73
C PHE A 136 -0.75 5.66 10.56
N ALA A 137 -1.69 4.77 10.85
CA ALA A 137 -1.37 3.59 11.66
C ALA A 137 -0.27 2.80 10.96
N ARG A 138 -0.34 2.64 9.63
CA ARG A 138 0.71 1.89 8.93
C ARG A 138 2.06 2.63 8.93
N HIS A 139 2.02 3.95 8.88
CA HIS A 139 3.22 4.76 9.01
C HIS A 139 3.91 4.52 10.36
N TYR A 140 3.14 4.56 11.44
CA TYR A 140 3.67 4.27 12.76
C TYR A 140 4.27 2.90 12.87
N ALA A 141 3.65 1.91 12.28
CA ALA A 141 4.20 0.57 12.35
C ALA A 141 5.58 0.57 11.71
N LEU A 142 5.70 1.28 10.59
CA LEU A 142 6.96 1.37 9.90
C LEU A 142 8.01 2.09 10.67
N LEU A 143 7.62 3.16 11.33
CA LEU A 143 8.60 3.88 12.18
C LEU A 143 9.25 2.94 13.22
N GLY A 144 8.53 1.92 13.63
CA GLY A 144 9.11 0.94 14.57
C GLY A 144 10.33 0.20 14.02
N ILE A 146 12.92 1.68 12.72
CA ILE A 146 14.11 2.54 12.92
C ILE A 146 15.02 1.95 13.98
N ALA A 147 16.33 1.96 13.75
CA ALA A 147 17.28 1.39 14.72
C ALA A 147 17.19 -0.14 14.92
N LYS A 148 16.68 -0.89 13.95
CA LYS A 148 16.61 -2.32 14.09
C LYS A 148 17.57 -2.98 13.14
N THR A 149 18.00 -4.18 13.48
CA THR A 149 18.85 -4.99 12.62
C THR A 149 18.02 -5.52 11.43
N PRO A 150 18.70 -6.00 10.40
CA PRO A 150 17.90 -6.54 9.31
C PRO A 150 17.01 -7.70 9.71
N LYS A 151 17.45 -8.51 10.65
CA LYS A 151 16.66 -9.64 11.12
C LYS A 151 15.41 -9.19 11.82
N GLU A 152 15.56 -8.21 12.70
CA GLU A 152 14.38 -7.67 13.32
C GLU A 152 13.46 -7.03 12.31
N ARG A 153 14.01 -6.37 11.30
CA ARG A 153 13.16 -5.76 10.29
C ARG A 153 12.34 -6.75 9.47
N ILE A 154 12.92 -7.90 9.15
CA ILE A 154 12.22 -8.85 8.30
C ILE A 154 11.01 -9.45 9.01
N TYR A 155 11.13 -9.73 10.29
CA TYR A 155 9.95 -10.15 11.06
C TYR A 155 8.87 -9.12 11.00
N ALA A 157 8.52 -6.57 8.93
CA ALA A 157 7.97 -6.48 7.58
C ALA A 157 6.91 -7.58 7.29
N LEU A 158 7.27 -8.83 7.52
CA LEU A 158 6.40 -9.91 7.13
C LEU A 158 5.14 -9.87 7.94
N GLU A 159 5.24 -9.36 9.17
CA GLU A 159 4.03 -9.14 9.95
C GLU A 159 3.17 -8.00 9.44
N ASN A 160 3.78 -6.87 9.09
CA ASN A 160 3.08 -5.72 8.57
C ASN A 160 2.35 -6.16 7.30
N LEU A 161 3.06 -6.84 6.43
CA LEU A 161 2.40 -7.30 5.18
C LEU A 161 1.28 -8.33 5.43
N ALA A 162 1.46 -9.20 6.41
CA ALA A 162 0.38 -10.19 6.70
C ALA A 162 -0.84 -9.45 7.14
N VAL A 163 -0.67 -8.44 7.96
CA VAL A 163 -1.78 -7.63 8.32
C VAL A 163 -2.34 -6.89 7.09
N GLU A 164 -1.50 -6.33 6.26
CA GLU A 164 -1.99 -5.49 5.19
C GLU A 164 -2.63 -6.22 4.05
N GLY A 166 -2.29 -9.94 3.55
CA GLY A 166 -2.19 -11.37 3.63
C GLY A 166 -3.54 -12.02 3.55
N THR A 167 -3.58 -13.24 3.06
CA THR A 167 -4.84 -13.96 3.00
C THR A 167 -4.79 -15.33 3.66
N GLU A 168 -5.64 -15.51 4.66
CA GLU A 168 -5.61 -16.67 5.56
C GLU A 168 -6.00 -18.01 4.91
N ASP A 169 -5.29 -19.07 5.30
CA ASP A 169 -5.62 -20.45 4.90
C ASP A 169 -6.47 -20.98 6.07
N GLU A 170 -5.94 -20.90 7.29
CA GLU A 170 -6.62 -21.38 8.52
C GLU A 170 -6.71 -22.91 8.55
N GLU A 171 -7.37 -23.51 7.57
CA GLU A 171 -7.36 -24.97 7.48
C GLU A 171 -5.91 -25.44 7.65
N ARG A 172 -4.98 -24.79 6.92
CA ARG A 172 -3.55 -25.09 7.02
C ARG A 172 -2.83 -24.22 8.07
N ASN A 173 -3.58 -23.30 8.68
CA ASN A 173 -3.06 -22.40 9.72
C ASN A 173 -1.86 -21.59 9.21
N GLU A 174 -2.11 -20.87 8.12
CA GLU A 174 -1.12 -20.08 7.42
C GLU A 174 -1.75 -18.78 6.93
N ILE A 175 -0.95 -17.70 6.95
CA ILE A 175 -1.33 -16.48 6.27
C ILE A 175 -0.42 -16.31 5.09
N VAL A 176 -1.01 -16.14 3.90
CA VAL A 176 -0.27 -16.18 2.64
C VAL A 176 -0.20 -14.79 2.04
N LEU A 177 0.96 -14.43 1.53
CA LEU A 177 1.17 -13.09 0.99
C LEU A 177 1.03 -13.13 -0.55
N PRO A 178 0.65 -12.01 -1.16
CA PRO A 178 0.59 -11.95 -2.62
C PRO A 178 1.88 -12.33 -3.31
N ASN A 179 1.69 -12.78 -4.53
CA ASN A 179 2.71 -13.30 -5.39
C ASN A 179 3.79 -12.30 -5.69
N PHE A 180 3.42 -11.02 -5.82
CA PHE A 180 4.40 -9.99 -6.14
C PHE A 180 5.43 -9.71 -5.01
N ILE A 181 5.15 -10.14 -3.79
CA ILE A 181 6.14 -10.11 -2.72
C ILE A 181 7.09 -11.32 -2.86
N ASN A 182 8.18 -11.09 -3.59
CA ASN A 182 9.27 -12.03 -3.72
C ASN A 182 10.47 -11.55 -2.96
N GLN A 183 11.53 -12.31 -3.09
CA GLN A 183 12.77 -12.00 -2.41
C GLN A 183 13.33 -10.61 -2.66
N SER A 184 13.33 -10.18 -3.91
CA SER A 184 13.83 -8.85 -4.26
C SER A 184 12.96 -7.74 -3.67
N VAL A 185 11.65 -7.93 -3.72
CA VAL A 185 10.76 -6.93 -3.18
C VAL A 185 10.87 -6.89 -1.64
N LEU A 186 10.90 -8.06 -1.01
CA LEU A 186 11.03 -8.12 0.42
C LEU A 186 12.27 -7.42 0.84
N ALA A 187 13.37 -7.63 0.13
CA ALA A 187 14.61 -6.97 0.45
C ALA A 187 14.52 -5.45 0.36
N ARG A 188 13.86 -4.97 -0.67
CA ARG A 188 13.69 -3.56 -0.86
C ARG A 188 12.85 -2.97 0.24
N TYR A 189 11.83 -3.70 0.70
CA TYR A 189 10.96 -3.18 1.76
C TYR A 189 11.66 -3.23 3.10
N CYS A 190 12.51 -4.23 3.28
CA CYS A 190 13.33 -4.33 4.49
C CYS A 190 14.57 -3.47 4.48
N ARG A 191 14.81 -2.80 3.37
N ARG A 191 14.87 -2.83 3.36
CA ARG A 191 15.93 -1.90 3.22
CA ARG A 191 15.98 -1.89 3.28
C ARG A 191 17.24 -2.67 3.58
C ARG A 191 17.32 -2.59 3.47
N THR A 192 17.43 -3.78 2.89
CA THR A 192 18.66 -4.58 2.93
C THR A 192 18.92 -5.27 1.57
N THR A 193 19.93 -6.14 1.49
CA THR A 193 20.33 -6.77 0.21
C THR A 193 19.66 -8.10 0.03
N GLN A 194 19.71 -8.63 -1.19
CA GLN A 194 19.08 -9.90 -1.44
C GLN A 194 19.81 -11.02 -0.83
N PRO A 195 21.14 -11.03 -0.97
CA PRO A 195 21.82 -12.16 -0.35
C PRO A 195 21.54 -12.22 1.14
N ASN A 196 21.34 -11.06 1.75
CA ASN A 196 21.05 -11.03 3.16
C ASN A 196 19.62 -11.50 3.44
N ILE A 197 18.66 -11.02 2.67
CA ILE A 197 17.30 -11.54 2.80
C ILE A 197 17.24 -13.09 2.70
N SER A 198 18.01 -13.65 1.78
CA SER A 198 17.97 -15.10 1.54
C SER A 198 18.36 -15.82 2.80
N ASN A 199 19.44 -15.37 3.41
CA ASN A 199 19.94 -15.96 4.64
C ASN A 199 19.00 -15.82 5.80
N LEU A 200 18.38 -14.66 5.91
CA LEU A 200 17.37 -14.43 6.92
C LEU A 200 16.12 -15.26 6.73
N LEU A 201 15.64 -15.40 5.49
CA LEU A 201 14.52 -16.28 5.23
C LEU A 201 14.79 -17.70 5.70
N THR A 202 16.02 -18.18 5.59
CA THR A 202 16.36 -19.54 6.07
C THR A 202 16.18 -19.64 7.58
N GLU A 203 16.69 -18.64 8.29
CA GLU A 203 16.54 -18.59 9.74
C GLU A 203 15.06 -18.60 10.13
N LEU A 204 14.24 -17.81 9.45
CA LEU A 204 12.82 -17.69 9.74
C LEU A 204 12.08 -19.02 9.51
N VAL A 205 12.53 -19.81 8.55
CA VAL A 205 11.95 -21.14 8.36
C VAL A 205 12.41 -22.05 9.50
N GLU A 206 13.68 -21.97 9.89
CA GLU A 206 14.19 -22.78 11.01
C GLU A 206 13.44 -22.44 12.28
N GLU A 207 13.10 -21.17 12.46
CA GLU A 207 12.37 -20.75 13.63
C GLU A 207 10.86 -20.93 13.53
N GLU A 208 10.41 -21.54 12.44
CA GLU A 208 9.00 -21.87 12.22
C GLU A 208 8.11 -20.67 12.11
N PHE A 209 8.68 -19.51 11.77
CA PHE A 209 7.86 -18.34 11.43
C PHE A 209 7.26 -18.50 10.04
N LEU A 210 8.11 -18.92 9.13
CA LEU A 210 7.78 -19.08 7.72
C LEU A 210 7.71 -20.57 7.40
N ILE A 211 6.69 -21.00 6.67
CA ILE A 211 6.58 -22.39 6.30
C ILE A 211 7.61 -22.78 5.26
N ASN A 212 7.83 -21.91 4.28
CA ASN A 212 8.86 -22.12 3.24
C ASN A 212 9.66 -20.87 2.95
N LYS A 213 10.88 -21.05 2.47
CA LYS A 213 11.76 -19.99 2.06
C LYS A 213 11.37 -19.34 0.72
N LYS A 214 10.40 -19.91 0.06
CA LYS A 214 10.02 -19.65 -1.29
C LYS A 214 8.70 -18.84 -1.39
N SER A 215 8.64 -17.84 -2.24
CA SER A 215 7.38 -17.11 -2.40
C SER A 215 6.37 -17.86 -3.29
N PRO A 216 5.08 -17.62 -3.04
CA PRO A 216 4.52 -16.66 -2.07
C PRO A 216 4.74 -17.08 -0.62
N TYR A 217 5.06 -16.12 0.22
CA TYR A 217 5.41 -16.41 1.59
C TYR A 217 4.18 -16.83 2.38
N ARG A 218 4.35 -17.91 3.13
CA ARG A 218 3.31 -18.47 3.98
C ARG A 218 3.81 -18.37 5.41
N ILE A 219 3.04 -17.70 6.25
CA ILE A 219 3.48 -17.34 7.57
C ILE A 219 2.65 -18.16 8.52
N ASP A 220 3.34 -18.79 9.47
CA ASP A 220 2.66 -19.64 10.46
C ASP A 220 1.72 -18.81 11.28
N LYS A 221 0.44 -19.05 11.08
CA LYS A 221 -0.61 -18.34 11.80
C LYS A 221 -0.28 -18.20 13.30
N ASP A 222 0.09 -19.32 13.95
CA ASP A 222 0.48 -19.28 15.37
C ASP A 222 1.43 -18.12 15.62
N SER A 223 2.62 -18.21 15.01
CA SER A 223 3.73 -17.28 15.27
C SER A 223 3.29 -15.83 15.25
N LEU A 224 2.16 -15.56 14.61
CA LEU A 224 1.67 -14.20 14.41
C LEU A 224 0.52 -13.90 15.38
N ASP A 225 0.53 -12.68 15.92
CA ASP A 225 -0.54 -12.15 16.79
C ASP A 225 -1.86 -12.91 16.75
#